data_5O85
#
_entry.id   5O85
#
_cell.length_a   81.407
_cell.length_b   120.388
_cell.length_c   128.673
_cell.angle_alpha   90.00
_cell.angle_beta   90.00
_cell.angle_gamma   90.00
#
_symmetry.space_group_name_H-M   'I 21 21 21'
#
loop_
_entity.id
_entity.type
_entity.pdbx_description
1 polymer 'General transcription factor IIH subunit 3'
2 polymer 'General transcription factor IIH subunit 2'
3 non-polymer 'ZINC ION'
#
loop_
_entity_poly.entity_id
_entity_poly.type
_entity_poly.pdbx_seq_one_letter_code
_entity_poly.pdbx_strand_id
1 'polypeptide(L)'
;MVSDEDELNLLVIVVDANPIWWGKQALKESQFTLSKCIDAVMVLGNSHLFMNRSNKLAVIASHIQESRFLYPGKNGRLGD
FFGDPGNPPEFNPSGSKDGKYELLTSANEVIVEEIKDLMTKSDIKGQHTETLLAGSLAKALCYIHRMNKEVKDNQEMKSR
ILVIKAAEDSALQYMNFMNVIFAAQKQNILIDACVLDSDSGLLQQACDITGGLYLKVPQMPSLLQYLLWVFLPDQDQRSQ
LILPPPVHVDYRAACFCHRNLIEIGYVCSVCLSIFCNFSPICTTCETAFKISLPPVLKAKKKKLKVSA
;
A,C
2 'polypeptide(L)'
;MDEEPERTKRWEGGYERTWEILKEDESGSLKATIEDILFKAKRKRVFEHHGQVRLGMMRHLYVVVDGSRTMEDQDLKPNR
LTCTLKLLEYFVEEYFDQNPISQIGIIVTKSKRAEKLTELSGNPRKHITSLKKAVDMTCHGEPSLYNSLSIAMQTLKHMP
GHTSREVLIIFSSLTTCDPSNIYDLIKTLKAAKIRVSVIGLSAEVRVCTVLARETGGTYHVILDESHYKELLTHHVSPPP
ASSSSECSLIRMGFPQHTIASLSDQDAKPSFSMAHLDGNTEPGLTLGGYFCPQCRAKYCELPVECKICGLTLVSAPHLAR
SYHHLFPLDAFQEIPLEEYNGERFCYGCQGELKDQHVYVCAVCQNVFCVDCDVFVHDSLHSCPGCIHKIPAPSGV
;
B,D
#
loop_
_chem_comp.id
_chem_comp.type
_chem_comp.name
_chem_comp.formula
ZN non-polymer 'ZINC ION' 'Zn 2'
#
# COMPACT_ATOMS: atom_id res chain seq x y z
N LEU A 8 1.49 -7.05 12.33
CA LEU A 8 2.91 -6.88 12.64
C LEU A 8 3.77 -7.34 11.46
N ASN A 9 4.82 -6.57 11.18
CA ASN A 9 5.76 -6.87 10.11
C ASN A 9 7.18 -6.89 10.66
N LEU A 10 8.04 -7.63 9.97
CA LEU A 10 9.46 -7.70 10.30
C LEU A 10 10.28 -7.36 9.07
N LEU A 11 11.28 -6.50 9.26
CA LEU A 11 12.21 -6.11 8.20
C LEU A 11 13.62 -6.33 8.72
N VAL A 12 14.38 -7.19 8.04
CA VAL A 12 15.77 -7.47 8.39
C VAL A 12 16.61 -7.09 7.18
N ILE A 13 17.30 -5.97 7.26
CA ILE A 13 18.13 -5.48 6.17
C ILE A 13 19.53 -6.09 6.31
N VAL A 14 19.94 -6.83 5.30
CA VAL A 14 21.28 -7.40 5.23
C VAL A 14 22.07 -6.58 4.23
N VAL A 15 23.04 -5.81 4.72
CA VAL A 15 23.86 -4.94 3.89
C VAL A 15 25.19 -5.62 3.62
N ASP A 16 25.55 -5.73 2.34
CA ASP A 16 26.83 -6.30 1.95
C ASP A 16 27.94 -5.29 2.22
N ALA A 17 28.50 -5.32 3.42
CA ALA A 17 29.60 -4.44 3.78
C ALA A 17 30.95 -5.04 3.42
N ASN A 18 31.06 -5.67 2.26
CA ASN A 18 32.32 -6.21 1.77
C ASN A 18 33.33 -5.08 1.67
N PRO A 19 34.34 -5.05 2.53
CA PRO A 19 35.28 -3.91 2.52
C PRO A 19 36.05 -3.77 1.23
N ILE A 20 36.31 -4.88 0.53
CA ILE A 20 37.07 -4.83 -0.71
C ILE A 20 36.31 -4.02 -1.76
N TRP A 21 35.06 -4.40 -2.02
CA TRP A 21 34.28 -3.73 -3.05
C TRP A 21 34.05 -2.26 -2.72
N TRP A 22 33.71 -1.97 -1.46
CA TRP A 22 33.42 -0.59 -1.08
C TRP A 22 34.68 0.26 -1.17
N GLY A 23 35.82 -0.28 -0.75
CA GLY A 23 37.07 0.44 -0.90
C GLY A 23 37.39 0.74 -2.35
N LYS A 24 37.19 -0.26 -3.23
CA LYS A 24 37.40 0.00 -4.65
C LYS A 24 36.43 1.06 -5.18
N GLN A 25 35.20 1.04 -4.67
CA GLN A 25 34.20 2.02 -5.11
C GLN A 25 34.57 3.42 -4.68
N ALA A 26 35.20 3.56 -3.50
CA ALA A 26 35.72 4.87 -3.11
C ALA A 26 36.92 5.27 -3.95
N LEU A 27 37.77 4.29 -4.30
CA LEU A 27 38.94 4.60 -5.13
C LEU A 27 38.52 4.99 -6.54
N LYS A 28 37.53 4.30 -7.11
CA LYS A 28 37.02 4.67 -8.42
C LYS A 28 36.38 6.04 -8.42
N GLU A 29 36.23 6.67 -7.25
CA GLU A 29 35.78 8.05 -7.12
C GLU A 29 34.36 8.24 -7.63
N SER A 30 33.53 7.21 -7.51
CA SER A 30 32.11 7.38 -7.75
C SER A 30 31.48 8.15 -6.59
N GLN A 31 30.43 8.91 -6.90
CA GLN A 31 29.73 9.66 -5.85
C GLN A 31 29.20 8.74 -4.77
N PHE A 32 28.96 7.48 -5.10
CA PHE A 32 28.31 6.54 -4.20
C PHE A 32 29.36 5.78 -3.39
N THR A 33 29.37 5.98 -2.08
CA THR A 33 30.27 5.30 -1.17
C THR A 33 29.45 4.47 -0.19
N LEU A 34 30.13 3.87 0.78
CA LEU A 34 29.44 3.07 1.79
C LEU A 34 28.61 3.93 2.73
N SER A 35 29.05 5.16 2.99
CA SER A 35 28.32 6.05 3.89
C SER A 35 26.95 6.40 3.32
N LYS A 36 26.88 6.71 2.03
CA LYS A 36 25.59 6.97 1.39
C LYS A 36 24.68 5.76 1.48
N CYS A 37 25.23 4.57 1.25
CA CYS A 37 24.43 3.34 1.33
C CYS A 37 23.87 3.14 2.74
N ILE A 38 24.69 3.40 3.77
CA ILE A 38 24.22 3.23 5.13
C ILE A 38 23.17 4.27 5.48
N ASP A 39 23.33 5.50 4.98
CA ASP A 39 22.31 6.53 5.22
C ASP A 39 20.98 6.15 4.57
N ALA A 40 21.04 5.63 3.34
CA ALA A 40 19.81 5.16 2.68
C ALA A 40 19.17 4.02 3.47
N VAL A 41 19.99 3.07 3.93
CA VAL A 41 19.49 1.96 4.73
C VAL A 41 18.80 2.47 5.98
N MET A 42 19.42 3.43 6.66
CA MET A 42 18.84 3.98 7.88
C MET A 42 17.52 4.69 7.59
N VAL A 43 17.44 5.41 6.47
CA VAL A 43 16.20 6.08 6.10
C VAL A 43 15.09 5.05 5.89
N LEU A 44 15.39 3.99 5.13
CA LEU A 44 14.39 2.95 4.88
C LEU A 44 13.93 2.30 6.19
N GLY A 45 14.88 1.95 7.05
CA GLY A 45 14.51 1.36 8.33
C GLY A 45 13.66 2.28 9.19
N ASN A 46 14.00 3.57 9.20
CA ASN A 46 13.18 4.54 9.93
C ASN A 46 11.77 4.57 9.40
N SER A 47 11.61 4.59 8.07
CA SER A 47 10.27 4.53 7.49
C SER A 47 9.52 3.28 7.94
N HIS A 48 10.20 2.13 7.91
CA HIS A 48 9.58 0.88 8.34
C HIS A 48 9.10 0.97 9.79
N LEU A 49 9.95 1.50 10.68
CA LEU A 49 9.57 1.61 12.08
C LEU A 49 8.45 2.62 12.28
N PHE A 50 8.36 3.63 11.42
CA PHE A 50 7.38 4.69 11.61
C PHE A 50 6.00 4.27 11.13
N MET A 51 5.93 3.53 10.02
CA MET A 51 4.66 3.12 9.44
C MET A 51 3.68 2.56 10.47
N ASN A 52 4.20 1.75 11.40
CA ASN A 52 3.38 1.13 12.44
C ASN A 52 4.26 0.93 13.67
N ARG A 53 3.74 1.30 14.84
CA ARG A 53 4.52 1.13 16.06
C ARG A 53 4.51 -0.30 16.58
N SER A 54 3.99 -1.24 15.78
CA SER A 54 4.20 -2.66 16.06
C SER A 54 5.49 -3.17 15.47
N ASN A 55 5.96 -2.55 14.38
CA ASN A 55 7.02 -3.11 13.56
C ASN A 55 8.33 -3.25 14.34
N LYS A 56 9.16 -4.18 13.88
CA LYS A 56 10.48 -4.42 14.43
C LYS A 56 11.50 -4.29 13.31
N LEU A 57 12.73 -3.89 13.67
CA LEU A 57 13.77 -3.66 12.68
C LEU A 57 15.06 -4.36 13.08
N ALA A 58 15.77 -4.88 12.08
CA ALA A 58 17.07 -5.51 12.28
C ALA A 58 17.96 -5.19 11.08
N VAL A 59 19.21 -4.84 11.36
CA VAL A 59 20.21 -4.52 10.35
C VAL A 59 21.50 -5.27 10.70
N ILE A 60 21.92 -6.15 9.81
CA ILE A 60 23.14 -6.96 9.96
C ILE A 60 24.10 -6.59 8.84
N ALA A 61 25.37 -6.43 9.17
CA ALA A 61 26.40 -6.14 8.20
C ALA A 61 27.15 -7.41 7.83
N SER A 62 27.24 -7.70 6.53
CA SER A 62 27.92 -8.90 6.04
C SER A 62 29.36 -8.53 5.71
N HIS A 63 30.29 -8.84 6.60
CA HIS A 63 31.70 -8.59 6.39
C HIS A 63 32.36 -9.85 5.83
N ILE A 64 33.66 -9.74 5.54
CA ILE A 64 34.40 -10.89 5.03
C ILE A 64 34.60 -11.94 6.11
N GLN A 65 34.76 -11.51 7.37
CA GLN A 65 35.05 -12.42 8.47
C GLN A 65 33.81 -12.78 9.27
N GLU A 66 33.03 -11.80 9.72
CA GLU A 66 31.91 -12.05 10.60
C GLU A 66 30.68 -11.27 10.12
N SER A 67 29.53 -11.66 10.66
CA SER A 67 28.28 -10.94 10.46
C SER A 67 27.86 -10.34 11.79
N ARG A 68 27.81 -9.01 11.85
CA ARG A 68 27.55 -8.30 13.09
C ARG A 68 26.26 -7.50 12.96
N PHE A 69 25.39 -7.63 13.97
CA PHE A 69 24.15 -6.88 14.03
C PHE A 69 24.45 -5.40 14.25
N LEU A 70 24.15 -4.58 13.25
CA LEU A 70 24.23 -3.14 13.46
C LEU A 70 23.05 -2.62 14.27
N TYR A 71 21.89 -3.27 14.16
CA TYR A 71 20.74 -2.85 14.96
C TYR A 71 19.77 -4.02 15.12
N PRO A 72 19.22 -4.21 16.34
CA PRO A 72 19.48 -3.47 17.58
C PRO A 72 20.62 -4.07 18.39
N THR A 105 17.51 9.66 15.59
CA THR A 105 16.99 8.48 16.25
C THR A 105 18.11 7.72 16.95
N SER A 106 17.84 7.20 18.15
CA SER A 106 18.82 6.39 18.86
C SER A 106 19.29 5.22 18.01
N ALA A 107 18.39 4.64 17.22
CA ALA A 107 18.74 3.54 16.34
C ALA A 107 19.84 3.93 15.36
N ASN A 108 19.67 5.09 14.70
CA ASN A 108 20.69 5.56 13.77
C ASN A 108 22.04 5.70 14.45
N GLU A 109 22.05 6.27 15.65
CA GLU A 109 23.30 6.45 16.39
C GLU A 109 23.98 5.11 16.65
N VAL A 110 23.21 4.12 17.13
CA VAL A 110 23.83 2.83 17.44
C VAL A 110 24.34 2.15 16.16
N ILE A 111 23.64 2.34 15.04
CA ILE A 111 24.11 1.78 13.77
C ILE A 111 25.44 2.41 13.39
N VAL A 112 25.50 3.75 13.45
CA VAL A 112 26.73 4.48 13.11
C VAL A 112 27.89 3.95 13.93
N GLU A 113 27.74 3.95 15.26
CA GLU A 113 28.85 3.53 16.11
C GLU A 113 29.27 2.10 15.80
N GLU A 114 28.29 1.22 15.57
CA GLU A 114 28.61 -0.18 15.32
C GLU A 114 29.41 -0.35 14.03
N ILE A 115 28.98 0.31 12.95
CA ILE A 115 29.72 0.16 11.69
C ILE A 115 31.10 0.79 11.80
N LYS A 116 31.21 1.90 12.54
CA LYS A 116 32.52 2.52 12.76
C LYS A 116 33.47 1.55 13.42
N ASP A 117 33.06 0.96 14.54
CA ASP A 117 33.92 -0.03 15.21
C ASP A 117 34.22 -1.20 14.29
N LEU A 118 33.23 -1.66 13.53
CA LEU A 118 33.43 -2.83 12.67
C LEU A 118 34.42 -2.55 11.54
N MET A 119 34.54 -1.30 11.11
CA MET A 119 35.42 -0.98 10.00
C MET A 119 36.78 -0.43 10.43
N THR A 120 36.94 0.02 11.68
CA THR A 120 38.27 0.39 12.15
C THR A 120 38.97 -0.73 12.89
N LYS A 121 38.24 -1.58 13.61
CA LYS A 121 38.82 -2.77 14.24
C LYS A 121 38.47 -3.97 13.37
N SER A 122 39.41 -4.41 12.55
CA SER A 122 39.20 -5.52 11.65
C SER A 122 40.48 -6.35 11.55
N ASP A 123 40.30 -7.60 11.14
CA ASP A 123 41.41 -8.50 10.80
C ASP A 123 41.02 -9.22 9.51
N ILE A 124 41.68 -8.87 8.42
CA ILE A 124 41.35 -9.39 7.10
C ILE A 124 42.49 -10.33 6.68
N LYS A 125 42.23 -11.62 6.77
CA LYS A 125 43.17 -12.61 6.26
C LYS A 125 43.10 -12.66 4.74
N GLY A 126 44.27 -12.82 4.10
CA GLY A 126 44.32 -12.75 2.65
C GLY A 126 43.52 -13.86 1.97
N GLN A 127 43.58 -15.07 2.52
CA GLN A 127 42.87 -16.19 1.93
C GLN A 127 41.37 -15.94 1.91
N HIS A 128 40.84 -15.40 3.00
CA HIS A 128 39.40 -15.26 3.18
C HIS A 128 39.01 -13.83 2.80
N THR A 129 38.82 -13.62 1.49
CA THR A 129 38.56 -12.30 0.94
C THR A 129 37.16 -12.11 0.39
N GLU A 130 36.43 -13.19 0.12
CA GLU A 130 35.07 -13.08 -0.37
C GLU A 130 34.12 -12.67 0.74
N THR A 131 32.89 -12.35 0.37
CA THR A 131 31.85 -12.02 1.32
C THR A 131 30.99 -13.26 1.59
N LEU A 132 30.63 -13.47 2.85
CA LEU A 132 29.87 -14.64 3.27
C LEU A 132 28.41 -14.26 3.49
N LEU A 133 27.67 -14.22 2.39
CA LEU A 133 26.24 -13.94 2.44
C LEU A 133 25.50 -14.98 3.26
N ALA A 134 25.91 -16.25 3.15
CA ALA A 134 25.18 -17.34 3.77
C ALA A 134 25.20 -17.24 5.29
N GLY A 135 26.35 -16.88 5.88
CA GLY A 135 26.43 -16.76 7.32
C GLY A 135 25.51 -15.68 7.86
N SER A 136 25.54 -14.50 7.22
CA SER A 136 24.65 -13.42 7.64
C SER A 136 23.19 -13.83 7.53
N LEU A 137 22.82 -14.50 6.43
CA LEU A 137 21.44 -14.96 6.29
C LEU A 137 21.09 -15.98 7.39
N ALA A 138 22.05 -16.81 7.78
CA ALA A 138 21.80 -17.77 8.85
C ALA A 138 21.54 -17.05 10.18
N LYS A 139 22.37 -16.08 10.52
CA LYS A 139 22.15 -15.29 11.73
C LYS A 139 20.77 -14.63 11.69
N ALA A 140 20.41 -14.03 10.56
CA ALA A 140 19.09 -13.41 10.44
C ALA A 140 17.99 -14.44 10.68
N LEU A 141 18.13 -15.64 10.13
CA LEU A 141 17.11 -16.67 10.30
C LEU A 141 16.94 -17.04 11.77
N CYS A 142 18.04 -17.33 12.46
CA CYS A 142 17.95 -17.70 13.86
C CYS A 142 17.41 -16.56 14.71
N TYR A 143 17.61 -15.31 14.29
CA TYR A 143 17.01 -14.18 14.98
C TYR A 143 15.49 -14.16 14.80
N ILE A 144 15.04 -14.32 13.54
CA ILE A 144 13.61 -14.42 13.26
C ILE A 144 12.97 -15.60 13.98
N HIS A 145 13.77 -16.60 14.38
CA HIS A 145 13.21 -17.71 15.16
C HIS A 145 12.67 -17.22 16.50
N ARG A 146 13.52 -16.63 17.34
CA ARG A 146 13.07 -16.11 18.63
C ARG A 146 11.98 -15.06 18.45
N MET A 147 12.21 -14.10 17.55
CA MET A 147 11.21 -13.05 17.36
C MET A 147 9.85 -13.63 16.96
N ASN A 148 9.87 -14.69 16.14
CA ASN A 148 8.64 -15.39 15.82
C ASN A 148 8.04 -16.04 17.06
N LYS A 149 8.90 -16.57 17.95
CA LYS A 149 8.41 -17.21 19.17
C LYS A 149 7.76 -16.22 20.13
N GLU A 150 8.08 -14.92 20.02
CA GLU A 150 7.59 -13.98 21.03
C GLU A 150 6.07 -13.83 21.02
N VAL A 151 5.45 -13.79 19.85
CA VAL A 151 4.02 -13.44 19.71
C VAL A 151 3.11 -14.19 20.70
N GLU A 156 0.61 -11.37 14.99
CA GLU A 156 0.92 -12.03 13.72
C GLU A 156 2.17 -11.41 13.10
N MET A 157 3.28 -12.14 13.17
CA MET A 157 4.56 -11.65 12.68
C MET A 157 4.80 -12.18 11.27
N LYS A 158 4.86 -11.25 10.31
CA LYS A 158 5.16 -11.56 8.92
C LYS A 158 6.58 -11.09 8.65
N SER A 159 7.51 -12.04 8.55
CA SER A 159 8.93 -11.72 8.48
C SER A 159 9.38 -11.52 7.04
N ARG A 160 10.43 -10.73 6.87
CA ARG A 160 10.93 -10.38 5.54
C ARG A 160 12.38 -9.92 5.68
N ILE A 161 13.24 -10.42 4.80
CA ILE A 161 14.67 -10.09 4.80
C ILE A 161 14.99 -9.37 3.51
N LEU A 162 15.65 -8.22 3.63
CA LEU A 162 16.13 -7.47 2.47
C LEU A 162 17.65 -7.54 2.42
N VAL A 163 18.19 -7.91 1.27
CA VAL A 163 19.63 -8.03 1.06
C VAL A 163 20.05 -7.03 0.00
N ILE A 164 21.06 -6.22 0.33
CA ILE A 164 21.65 -5.27 -0.61
C ILE A 164 23.07 -5.74 -0.88
N LYS A 165 23.34 -6.20 -2.09
CA LYS A 165 24.66 -6.76 -2.37
C LYS A 165 25.40 -5.90 -3.39
N ALA A 166 26.73 -5.98 -3.34
CA ALA A 166 27.56 -5.14 -4.20
C ALA A 166 28.71 -5.92 -4.82
N ALA A 167 29.22 -6.93 -4.12
CA ALA A 167 30.48 -7.58 -4.48
C ALA A 167 30.24 -8.99 -4.98
N GLU A 168 31.34 -9.64 -5.39
CA GLU A 168 31.32 -11.03 -5.79
C GLU A 168 30.77 -11.90 -4.67
N ASP A 169 29.83 -12.78 -5.02
CA ASP A 169 29.29 -13.74 -4.07
C ASP A 169 30.07 -15.04 -4.19
N SER A 170 30.53 -15.55 -3.05
CA SER A 170 31.37 -16.74 -3.04
C SER A 170 30.60 -17.96 -3.51
N ALA A 171 31.27 -18.82 -4.27
CA ALA A 171 30.67 -20.05 -4.75
C ALA A 171 30.87 -21.22 -3.80
N LEU A 172 31.81 -21.10 -2.85
CA LEU A 172 32.08 -22.20 -1.92
C LEU A 172 30.89 -22.45 -1.00
N GLN A 173 30.07 -21.44 -0.73
CA GLN A 173 28.94 -21.56 0.17
C GLN A 173 27.72 -22.20 -0.46
N TYR A 174 27.89 -22.90 -1.59
CA TYR A 174 26.74 -23.54 -2.25
C TYR A 174 26.03 -24.50 -1.31
N MET A 175 26.78 -25.33 -0.59
CA MET A 175 26.18 -26.22 0.39
C MET A 175 25.51 -25.45 1.51
N ASN A 176 26.08 -24.30 1.89
CA ASN A 176 25.53 -23.53 3.00
C ASN A 176 24.39 -22.63 2.54
N PHE A 177 24.63 -21.82 1.51
CA PHE A 177 23.65 -20.85 1.05
C PHE A 177 22.32 -21.52 0.71
N MET A 178 22.35 -22.58 -0.11
CA MET A 178 21.14 -23.34 -0.39
C MET A 178 20.40 -23.68 0.90
N ASN A 179 21.13 -24.22 1.89
CA ASN A 179 20.53 -24.51 3.18
C ASN A 179 19.73 -23.33 3.70
N VAL A 180 20.37 -22.15 3.81
CA VAL A 180 19.70 -21.02 4.42
C VAL A 180 18.56 -20.50 3.56
N ILE A 181 18.51 -20.86 2.26
CA ILE A 181 17.31 -20.56 1.48
C ILE A 181 16.16 -21.42 1.95
N PHE A 182 16.40 -22.73 2.06
CA PHE A 182 15.32 -23.65 2.38
C PHE A 182 14.83 -23.42 3.81
N ALA A 183 15.76 -23.14 4.73
CA ALA A 183 15.35 -22.71 6.06
C ALA A 183 14.49 -21.46 6.00
N ALA A 184 14.79 -20.55 5.08
CA ALA A 184 13.94 -19.40 4.87
C ALA A 184 12.62 -19.78 4.22
N GLN A 185 12.63 -20.81 3.38
CA GLN A 185 11.40 -21.24 2.72
C GLN A 185 10.46 -21.93 3.70
N LYS A 186 10.99 -22.80 4.55
CA LYS A 186 10.14 -23.53 5.49
C LYS A 186 9.54 -22.61 6.55
N GLN A 187 10.24 -21.54 6.91
CA GLN A 187 9.68 -20.55 7.81
C GLN A 187 8.85 -19.50 7.08
N ASN A 188 8.69 -19.64 5.77
CA ASN A 188 7.94 -18.69 4.95
C ASN A 188 8.44 -17.26 5.13
N ILE A 189 9.77 -17.11 5.17
CA ILE A 189 10.41 -15.80 5.21
C ILE A 189 10.80 -15.42 3.79
N LEU A 190 10.41 -14.22 3.36
CA LEU A 190 10.73 -13.75 2.02
C LEU A 190 12.14 -13.18 2.00
N ILE A 191 12.83 -13.37 0.88
CA ILE A 191 14.18 -12.85 0.67
C ILE A 191 14.14 -11.95 -0.55
N ASP A 192 14.43 -10.67 -0.35
CA ASP A 192 14.47 -9.67 -1.41
C ASP A 192 15.91 -9.26 -1.67
N ALA A 193 16.15 -8.76 -2.88
CA ALA A 193 17.51 -8.44 -3.30
C ALA A 193 17.53 -7.11 -4.07
N CYS A 194 18.27 -6.15 -3.53
CA CYS A 194 18.72 -4.99 -4.27
C CYS A 194 20.21 -5.20 -4.53
N VAL A 195 20.54 -5.51 -5.77
CA VAL A 195 21.93 -5.73 -6.19
C VAL A 195 22.40 -4.46 -6.89
N LEU A 196 23.55 -3.94 -6.43
CA LEU A 196 24.04 -2.65 -6.89
C LEU A 196 24.88 -2.74 -8.16
N ASP A 197 25.73 -3.76 -8.24
CA ASP A 197 26.69 -3.85 -9.34
C ASP A 197 26.75 -5.27 -9.90
N SER A 198 27.37 -6.18 -9.15
CA SER A 198 27.57 -7.54 -9.65
C SER A 198 26.31 -8.37 -9.46
N ASP A 199 26.06 -9.25 -10.43
CA ASP A 199 24.93 -10.15 -10.36
C ASP A 199 25.23 -11.36 -9.49
N SER A 200 24.21 -11.82 -8.79
CA SER A 200 24.27 -13.02 -7.96
C SER A 200 23.28 -14.02 -8.52
N GLY A 201 23.78 -15.06 -9.19
CA GLY A 201 22.94 -16.19 -9.50
C GLY A 201 22.36 -16.81 -8.24
N LEU A 202 23.16 -16.84 -7.17
CA LEU A 202 22.71 -17.41 -5.91
C LEU A 202 21.56 -16.62 -5.31
N LEU A 203 21.66 -15.28 -5.32
CA LEU A 203 20.66 -14.47 -4.62
C LEU A 203 19.37 -14.33 -5.43
N GLN A 204 19.45 -14.29 -6.77
CA GLN A 204 18.22 -14.32 -7.55
C GLN A 204 17.60 -15.71 -7.50
N GLN A 205 18.43 -16.74 -7.40
CA GLN A 205 17.93 -18.08 -7.08
C GLN A 205 17.12 -18.06 -5.79
N ALA A 206 17.70 -17.48 -4.73
CA ALA A 206 17.06 -17.47 -3.43
C ALA A 206 15.78 -16.64 -3.45
N CYS A 207 15.78 -15.52 -4.18
CA CYS A 207 14.56 -14.72 -4.30
C CYS A 207 13.48 -15.50 -5.04
N ASP A 208 13.87 -16.23 -6.09
CA ASP A 208 12.90 -17.04 -6.82
C ASP A 208 12.31 -18.13 -5.93
N ILE A 209 13.14 -18.75 -5.09
CA ILE A 209 12.64 -19.83 -4.23
C ILE A 209 11.73 -19.27 -3.14
N THR A 210 12.25 -18.31 -2.36
CA THR A 210 11.50 -17.79 -1.21
C THR A 210 10.24 -17.06 -1.66
N GLY A 211 10.24 -16.49 -2.87
CA GLY A 211 9.13 -15.67 -3.31
C GLY A 211 9.40 -14.20 -3.08
N GLY A 212 10.65 -13.79 -3.33
CA GLY A 212 11.08 -12.43 -3.12
C GLY A 212 11.33 -11.67 -4.42
N LEU A 213 11.85 -10.46 -4.26
CA LEU A 213 12.02 -9.52 -5.36
C LEU A 213 13.51 -9.28 -5.61
N TYR A 214 13.88 -9.28 -6.90
CA TYR A 214 15.26 -9.09 -7.33
C TYR A 214 15.32 -7.82 -8.17
N LEU A 215 15.97 -6.78 -7.63
CA LEU A 215 16.09 -5.49 -8.28
C LEU A 215 17.56 -5.21 -8.61
N LYS A 216 17.83 -4.90 -9.88
CA LYS A 216 19.17 -4.58 -10.34
C LYS A 216 19.19 -3.09 -10.66
N VAL A 217 19.53 -2.28 -9.66
CA VAL A 217 19.47 -0.82 -9.80
C VAL A 217 20.69 -0.36 -10.61
N PRO A 218 20.49 0.50 -11.62
CA PRO A 218 21.62 0.94 -12.45
C PRO A 218 22.40 2.10 -11.86
N GLN A 219 21.80 3.27 -11.75
CA GLN A 219 22.48 4.46 -11.28
C GLN A 219 22.30 4.59 -9.77
N MET A 220 23.40 4.85 -9.08
CA MET A 220 23.47 4.79 -7.61
C MET A 220 22.83 5.99 -6.91
N PRO A 221 23.01 7.23 -7.37
CA PRO A 221 22.34 8.35 -6.68
C PRO A 221 20.82 8.25 -6.65
N SER A 222 20.22 7.38 -7.47
CA SER A 222 18.78 7.16 -7.46
C SER A 222 18.37 5.96 -6.63
N LEU A 223 19.27 5.47 -5.76
CA LEU A 223 19.01 4.22 -5.05
C LEU A 223 17.87 4.38 -4.05
N LEU A 224 17.93 5.41 -3.20
CA LEU A 224 16.96 5.56 -2.12
C LEU A 224 15.53 5.54 -2.65
N GLN A 225 15.27 6.25 -3.76
CA GLN A 225 13.94 6.26 -4.36
C GLN A 225 13.44 4.84 -4.60
N TYR A 226 14.28 3.98 -5.18
CA TYR A 226 13.90 2.59 -5.36
C TYR A 226 13.74 1.91 -4.01
N LEU A 227 14.70 2.12 -3.11
CA LEU A 227 14.68 1.48 -1.79
C LEU A 227 13.37 1.74 -1.06
N LEU A 228 12.97 3.02 -1.00
CA LEU A 228 11.71 3.36 -0.34
C LEU A 228 10.50 2.79 -1.07
N TRP A 229 10.58 2.70 -2.40
CA TRP A 229 9.40 2.37 -3.19
C TRP A 229 9.04 0.89 -3.10
N VAL A 230 9.89 0.02 -3.64
CA VAL A 230 9.52 -1.38 -3.82
C VAL A 230 9.83 -2.27 -2.62
N PHE A 231 10.66 -1.82 -1.69
CA PHE A 231 11.12 -2.67 -0.60
C PHE A 231 10.55 -2.28 0.76
N LEU A 232 9.67 -1.29 0.82
CA LEU A 232 9.03 -0.93 2.08
C LEU A 232 7.75 -1.76 2.26
N PRO A 233 7.69 -2.65 3.26
CA PRO A 233 6.53 -3.54 3.48
C PRO A 233 5.24 -2.77 3.74
N LEU B 328 24.46 -33.71 10.88
CA LEU B 328 24.82 -32.58 11.73
C LEU B 328 25.05 -33.03 13.16
N ASP B 329 26.19 -32.63 13.73
CA ASP B 329 26.55 -33.05 15.07
C ASP B 329 25.68 -32.35 16.11
N ALA B 330 25.63 -32.95 17.30
CA ALA B 330 24.93 -32.35 18.42
C ALA B 330 25.82 -31.33 19.13
N PHE B 331 25.24 -30.62 20.09
CA PHE B 331 25.93 -29.55 20.78
C PHE B 331 25.87 -29.77 22.29
N GLN B 332 26.75 -29.04 23.00
CA GLN B 332 26.94 -29.18 24.43
C GLN B 332 26.72 -27.84 25.12
N GLU B 333 26.29 -27.89 26.37
CA GLU B 333 25.94 -26.68 27.10
C GLU B 333 26.34 -26.79 28.57
N ILE B 334 26.70 -25.64 29.14
CA ILE B 334 26.80 -25.46 30.59
C ILE B 334 26.36 -24.04 30.91
N PRO B 335 25.49 -23.84 31.90
CA PRO B 335 24.92 -22.52 32.15
C PRO B 335 25.92 -21.40 32.42
N LEU B 336 26.70 -21.51 33.49
CA LEU B 336 27.36 -20.34 34.05
C LEU B 336 28.74 -20.05 33.47
N GLU B 337 29.48 -21.07 33.06
CA GLU B 337 30.91 -20.89 32.84
C GLU B 337 31.21 -20.17 31.52
N GLU B 338 32.24 -19.33 31.56
CA GLU B 338 32.66 -18.44 30.48
C GLU B 338 31.55 -18.01 29.53
N ARG B 343 25.13 -16.86 27.74
CA ARG B 343 24.27 -15.70 27.56
C ARG B 343 24.31 -15.17 26.13
N PHE B 344 25.00 -14.05 25.97
CA PHE B 344 25.00 -13.45 24.69
C PHE B 344 25.36 -14.60 23.82
N CYS B 345 24.48 -14.85 22.87
CA CYS B 345 24.72 -15.90 21.89
C CYS B 345 25.37 -15.36 20.63
N TYR B 346 26.08 -16.25 19.92
CA TYR B 346 26.72 -15.87 18.66
C TYR B 346 25.70 -15.70 17.55
N GLY B 347 24.61 -16.46 17.58
CA GLY B 347 23.62 -16.40 16.52
C GLY B 347 22.74 -15.16 16.59
N CYS B 348 21.72 -15.21 17.44
CA CYS B 348 20.76 -14.12 17.53
C CYS B 348 21.25 -12.94 18.36
N GLN B 349 22.42 -13.07 18.98
CA GLN B 349 22.97 -12.04 19.88
C GLN B 349 21.98 -11.70 20.99
N GLY B 350 21.37 -12.73 21.57
CA GLY B 350 20.47 -12.59 22.70
C GLY B 350 21.04 -13.28 23.91
N GLU B 351 20.86 -12.66 25.08
CA GLU B 351 21.39 -13.21 26.32
C GLU B 351 20.46 -14.28 26.90
N VAL B 359 26.81 -25.01 22.71
CA VAL B 359 28.15 -24.68 22.25
C VAL B 359 28.64 -25.72 21.26
N CYS B 360 29.15 -25.26 20.12
CA CYS B 360 29.68 -26.17 19.10
C CYS B 360 31.05 -26.67 19.50
N ALA B 361 31.27 -27.98 19.37
CA ALA B 361 32.57 -28.54 19.71
C ALA B 361 33.63 -28.26 18.66
N VAL B 362 33.24 -27.75 17.50
CA VAL B 362 34.18 -27.51 16.40
C VAL B 362 34.65 -26.05 16.45
N CYS B 363 33.71 -25.13 16.28
CA CYS B 363 34.04 -23.71 16.19
C CYS B 363 34.01 -23.00 17.55
N GLN B 364 33.49 -23.65 18.59
CA GLN B 364 33.48 -23.10 19.94
C GLN B 364 32.73 -21.76 20.00
N ASN B 365 31.44 -21.82 19.72
CA ASN B 365 30.60 -20.63 19.66
C ASN B 365 29.39 -20.81 20.56
N VAL B 366 29.17 -19.84 21.45
CA VAL B 366 28.07 -19.93 22.41
C VAL B 366 26.74 -19.74 21.69
N PHE B 367 25.81 -20.66 21.95
CA PHE B 367 24.47 -20.62 21.37
C PHE B 367 23.44 -20.71 22.49
N CYS B 368 22.34 -19.96 22.34
CA CYS B 368 21.24 -20.04 23.27
C CYS B 368 20.37 -21.25 22.94
N VAL B 369 19.34 -21.47 23.75
CA VAL B 369 18.49 -22.66 23.58
C VAL B 369 17.71 -22.59 22.28
N ASP B 370 17.08 -21.44 22.02
CA ASP B 370 16.27 -21.26 20.82
C ASP B 370 17.06 -21.61 19.56
N CYS B 371 18.16 -20.91 19.34
CA CYS B 371 18.99 -21.16 18.16
C CYS B 371 19.60 -22.56 18.19
N ASP B 372 19.86 -23.10 19.39
CA ASP B 372 20.34 -24.48 19.49
C ASP B 372 19.32 -25.44 18.90
N VAL B 373 18.03 -25.15 19.06
CA VAL B 373 17.01 -26.01 18.48
C VAL B 373 16.81 -25.70 17.00
N PHE B 374 16.91 -24.42 16.61
CA PHE B 374 16.64 -24.06 15.21
C PHE B 374 17.73 -24.56 14.28
N VAL B 375 19.00 -24.55 14.73
CA VAL B 375 20.08 -25.00 13.87
C VAL B 375 19.97 -26.49 13.59
N HIS B 376 19.56 -27.27 14.59
CA HIS B 376 19.42 -28.71 14.41
C HIS B 376 18.16 -29.06 13.63
N ASP B 377 17.02 -28.52 14.05
CA ASP B 377 15.73 -28.97 13.52
C ASP B 377 15.45 -28.42 12.12
N SER B 378 15.99 -27.25 11.78
CA SER B 378 15.56 -26.56 10.57
C SER B 378 16.69 -26.26 9.60
N LEU B 379 17.77 -25.63 10.07
CA LEU B 379 18.75 -25.07 9.15
C LEU B 379 19.80 -26.10 8.72
N HIS B 380 20.10 -27.09 9.56
CA HIS B 380 20.98 -28.21 9.21
C HIS B 380 22.39 -27.76 8.86
N SER B 381 22.84 -26.65 9.45
CA SER B 381 24.24 -26.23 9.38
C SER B 381 24.44 -25.14 10.43
N CYS B 382 25.63 -25.13 11.01
CA CYS B 382 25.88 -24.22 12.12
C CYS B 382 26.34 -22.86 11.61
N PRO B 383 25.82 -21.77 12.20
CA PRO B 383 26.24 -20.44 11.75
C PRO B 383 27.73 -20.19 11.94
N GLY B 384 28.31 -20.67 13.04
CA GLY B 384 29.74 -20.51 13.25
C GLY B 384 30.57 -21.36 12.31
N CYS B 385 30.04 -22.50 11.88
CA CYS B 385 30.75 -23.34 10.93
C CYS B 385 30.82 -22.71 9.54
N ILE B 386 29.88 -21.82 9.21
CA ILE B 386 29.90 -21.20 7.89
C ILE B 386 31.02 -20.17 7.80
N HIS B 387 31.19 -19.37 8.85
CA HIS B 387 32.14 -18.27 8.84
C HIS B 387 33.58 -18.77 8.74
N ASP C 6 -8.98 -12.08 2.47
CA ASP C 6 -9.50 -11.74 1.14
C ASP C 6 -10.79 -10.94 1.27
N GLU C 7 -10.66 -9.62 1.21
CA GLU C 7 -11.79 -8.71 1.45
C GLU C 7 -11.87 -7.70 0.33
N LEU C 8 -13.05 -7.56 -0.27
CA LEU C 8 -13.24 -6.67 -1.39
C LEU C 8 -13.52 -5.24 -0.93
N ASN C 9 -13.26 -4.30 -1.83
CA ASN C 9 -13.47 -2.88 -1.56
C ASN C 9 -14.39 -2.28 -2.61
N LEU C 10 -15.10 -1.23 -2.23
CA LEU C 10 -16.01 -0.51 -3.12
C LEU C 10 -15.57 0.95 -3.18
N LEU C 11 -15.50 1.50 -4.39
CA LEU C 11 -15.12 2.89 -4.59
C LEU C 11 -16.18 3.58 -5.44
N VAL C 12 -16.62 4.76 -5.00
CA VAL C 12 -17.57 5.59 -5.73
C VAL C 12 -16.92 6.95 -5.95
N ILE C 13 -16.53 7.23 -7.18
CA ILE C 13 -15.95 8.51 -7.55
C ILE C 13 -17.09 9.46 -7.89
N VAL C 14 -17.15 10.59 -7.20
CA VAL C 14 -18.11 11.64 -7.47
C VAL C 14 -17.34 12.80 -8.10
N VAL C 15 -17.47 12.95 -9.42
CA VAL C 15 -16.70 13.93 -10.17
C VAL C 15 -17.57 15.17 -10.41
N ASP C 16 -17.03 16.33 -10.10
CA ASP C 16 -17.75 17.60 -10.27
C ASP C 16 -17.69 17.99 -11.74
N ALA C 17 -18.76 17.67 -12.47
CA ALA C 17 -18.85 17.96 -13.90
C ALA C 17 -19.58 19.28 -14.18
N ASN C 18 -19.41 20.28 -13.30
CA ASN C 18 -20.04 21.58 -13.45
C ASN C 18 -19.64 22.20 -14.77
N PRO C 19 -20.59 22.39 -15.70
CA PRO C 19 -20.21 22.81 -17.06
C PRO C 19 -19.70 24.24 -17.13
N ILE C 20 -20.16 25.13 -16.25
CA ILE C 20 -19.69 26.51 -16.28
C ILE C 20 -18.21 26.58 -15.90
N TRP C 21 -17.83 25.87 -14.83
CA TRP C 21 -16.44 25.91 -14.39
C TRP C 21 -15.52 25.22 -15.38
N TRP C 22 -15.92 24.05 -15.90
CA TRP C 22 -15.06 23.33 -16.84
C TRP C 22 -14.95 24.08 -18.16
N GLY C 23 -16.04 24.66 -18.63
CA GLY C 23 -15.97 25.45 -19.85
C GLY C 23 -15.11 26.69 -19.69
N LYS C 24 -15.35 27.44 -18.61
CA LYS C 24 -14.48 28.57 -18.29
C LYS C 24 -13.02 28.15 -18.19
N GLN C 25 -12.78 26.94 -17.67
CA GLN C 25 -11.43 26.41 -17.57
C GLN C 25 -10.86 26.10 -18.95
N ALA C 26 -11.69 25.70 -19.90
CA ALA C 26 -11.23 25.50 -21.27
C ALA C 26 -10.93 26.83 -21.93
N LEU C 27 -11.69 27.88 -21.61
CA LEU C 27 -11.47 29.18 -22.26
C LEU C 27 -10.17 29.83 -21.80
N LYS C 28 -9.85 29.74 -20.51
CA LYS C 28 -8.60 30.33 -20.04
C LYS C 28 -7.37 29.57 -20.52
N GLU C 29 -7.56 28.48 -21.27
CA GLU C 29 -6.48 27.76 -21.94
C GLU C 29 -5.46 27.19 -20.96
N SER C 30 -5.91 26.78 -19.78
CA SER C 30 -5.06 25.97 -18.91
C SER C 30 -4.94 24.57 -19.49
N GLN C 31 -3.79 23.94 -19.26
CA GLN C 31 -3.53 22.63 -19.87
C GLN C 31 -4.51 21.56 -19.41
N PHE C 32 -5.18 21.77 -18.28
CA PHE C 32 -6.05 20.75 -17.71
C PHE C 32 -7.50 21.05 -18.07
N THR C 33 -8.13 20.15 -18.81
CA THR C 33 -9.52 20.24 -19.19
C THR C 33 -10.30 19.08 -18.59
N LEU C 34 -11.59 19.00 -18.93
CA LEU C 34 -12.43 17.93 -18.41
C LEU C 34 -12.07 16.58 -19.01
N SER C 35 -11.56 16.58 -20.26
CA SER C 35 -11.12 15.33 -20.88
C SER C 35 -10.04 14.67 -20.02
N LYS C 36 -9.03 15.44 -19.61
CA LYS C 36 -7.96 14.89 -18.78
C LYS C 36 -8.49 14.41 -17.44
N CYS C 37 -9.44 15.15 -16.84
CA CYS C 37 -10.00 14.73 -15.57
C CYS C 37 -10.71 13.38 -15.69
N ILE C 38 -11.51 13.22 -16.75
CA ILE C 38 -12.21 11.95 -16.96
C ILE C 38 -11.22 10.83 -17.23
N ASP C 39 -10.15 11.13 -17.98
CA ASP C 39 -9.14 10.10 -18.23
C ASP C 39 -8.45 9.69 -16.94
N ALA C 40 -8.20 10.63 -16.05
CA ALA C 40 -7.60 10.30 -14.75
C ALA C 40 -8.56 9.48 -13.90
N VAL C 41 -9.85 9.81 -13.94
CA VAL C 41 -10.84 9.01 -13.22
C VAL C 41 -10.87 7.59 -13.74
N MET C 42 -10.81 7.43 -15.07
CA MET C 42 -10.83 6.10 -15.66
C MET C 42 -9.58 5.31 -15.29
N VAL C 43 -8.41 5.96 -15.32
CA VAL C 43 -7.18 5.30 -14.92
C VAL C 43 -7.28 4.84 -13.47
N LEU C 44 -7.75 5.73 -12.59
CA LEU C 44 -7.86 5.39 -11.17
C LEU C 44 -8.81 4.22 -10.94
N GLY C 45 -9.99 4.27 -11.57
CA GLY C 45 -10.95 3.18 -11.40
C GLY C 45 -10.44 1.87 -11.96
N ASN C 46 -9.72 1.92 -13.08
CA ASN C 46 -9.14 0.70 -13.64
C ASN C 46 -8.09 0.12 -12.71
N SER C 47 -7.29 0.98 -12.06
CA SER C 47 -6.35 0.48 -11.06
C SER C 47 -7.10 -0.14 -9.88
N HIS C 48 -8.16 0.52 -9.42
CA HIS C 48 -8.98 -0.02 -8.33
C HIS C 48 -9.50 -1.40 -8.67
N LEU C 49 -10.02 -1.59 -9.88
CA LEU C 49 -10.46 -2.91 -10.31
C LEU C 49 -9.30 -3.87 -10.49
N PHE C 50 -8.09 -3.35 -10.73
CA PHE C 50 -6.94 -4.24 -10.90
C PHE C 50 -6.45 -4.79 -9.56
N MET C 51 -6.60 -4.02 -8.48
CA MET C 51 -6.15 -4.49 -7.16
C MET C 51 -6.74 -5.86 -6.82
N ASN C 52 -8.03 -6.06 -7.09
CA ASN C 52 -8.69 -7.29 -6.68
C ASN C 52 -9.73 -7.67 -7.71
N ARG C 53 -9.91 -8.98 -7.88
CA ARG C 53 -10.96 -9.51 -8.74
C ARG C 53 -12.35 -9.12 -8.26
N SER C 54 -12.49 -8.76 -6.98
CA SER C 54 -13.80 -8.59 -6.36
C SER C 54 -14.20 -7.14 -6.12
N ASN C 55 -13.27 -6.18 -6.26
CA ASN C 55 -13.60 -4.79 -5.98
C ASN C 55 -14.70 -4.29 -6.92
N LYS C 56 -15.46 -3.30 -6.43
CA LYS C 56 -16.56 -2.72 -7.19
C LYS C 56 -16.36 -1.22 -7.34
N LEU C 57 -16.79 -0.70 -8.48
CA LEU C 57 -16.53 0.68 -8.88
C LEU C 57 -17.84 1.35 -9.31
N ALA C 58 -17.96 2.64 -9.01
CA ALA C 58 -19.07 3.46 -9.44
C ALA C 58 -18.56 4.86 -9.74
N VAL C 59 -19.08 5.47 -10.81
CA VAL C 59 -18.74 6.83 -11.18
C VAL C 59 -20.02 7.63 -11.31
N ILE C 60 -20.10 8.76 -10.60
CA ILE C 60 -21.26 9.64 -10.65
C ILE C 60 -20.78 11.04 -11.00
N ALA C 61 -21.37 11.60 -12.05
CA ALA C 61 -21.10 12.98 -12.44
C ALA C 61 -22.11 13.90 -11.79
N SER C 62 -21.60 14.90 -11.07
CA SER C 62 -22.41 15.91 -10.40
C SER C 62 -22.55 17.10 -11.34
N HIS C 63 -23.73 17.23 -11.95
CA HIS C 63 -24.01 18.34 -12.84
C HIS C 63 -24.77 19.41 -12.07
N ILE C 64 -25.07 20.52 -12.75
CA ILE C 64 -25.87 21.57 -12.11
C ILE C 64 -27.30 21.10 -11.90
N GLN C 65 -27.81 20.27 -12.80
CA GLN C 65 -29.21 19.85 -12.79
C GLN C 65 -29.40 18.50 -12.11
N GLU C 66 -28.69 17.48 -12.57
CA GLU C 66 -28.88 16.11 -12.11
C GLU C 66 -27.54 15.51 -11.73
N SER C 67 -27.61 14.35 -11.08
CA SER C 67 -26.46 13.50 -10.82
C SER C 67 -26.61 12.25 -11.67
N ARG C 68 -25.70 12.04 -12.61
CA ARG C 68 -25.84 10.94 -13.55
C ARG C 68 -24.75 9.90 -13.34
N PHE C 69 -25.16 8.65 -13.22
CA PHE C 69 -24.22 7.53 -13.13
C PHE C 69 -23.49 7.38 -14.46
N LEU C 70 -22.25 7.83 -14.53
CA LEU C 70 -21.40 7.47 -15.66
C LEU C 70 -21.11 5.98 -15.68
N TYR C 71 -21.01 5.37 -14.50
CA TYR C 71 -20.85 3.92 -14.36
C TYR C 71 -21.40 3.50 -13.01
N PRO C 72 -22.17 2.40 -12.97
CA PRO C 72 -22.50 1.52 -14.10
C PRO C 72 -23.61 2.06 -14.99
N GLY C 73 -23.40 2.01 -16.30
CA GLY C 73 -24.44 2.37 -17.24
C GLY C 73 -25.61 1.41 -17.15
N LYS C 74 -26.82 1.96 -17.12
CA LYS C 74 -28.00 1.13 -16.90
C LYS C 74 -28.23 0.16 -18.05
N ASN C 75 -28.05 0.62 -19.28
CA ASN C 75 -28.26 -0.22 -20.45
C ASN C 75 -27.03 -1.09 -20.73
N LYS C 100 -12.95 -12.29 -23.14
CA LYS C 100 -13.17 -11.50 -21.93
C LYS C 100 -11.90 -10.80 -21.47
N TYR C 101 -11.15 -10.24 -22.41
CA TYR C 101 -10.06 -9.33 -22.08
C TYR C 101 -10.55 -7.90 -21.88
N GLU C 102 -11.79 -7.59 -22.28
CA GLU C 102 -12.32 -6.24 -22.32
C GLU C 102 -13.02 -5.83 -21.02
N LEU C 103 -12.56 -6.32 -19.87
CA LEU C 103 -13.22 -6.01 -18.62
C LEU C 103 -13.16 -4.53 -18.31
N LEU C 104 -11.99 -3.92 -18.49
CA LEU C 104 -11.80 -2.51 -18.18
C LEU C 104 -12.28 -1.62 -19.31
N THR C 105 -12.04 -2.05 -20.55
CA THR C 105 -12.37 -1.25 -21.72
C THR C 105 -13.88 -1.02 -21.83
N SER C 106 -14.70 -1.99 -21.43
CA SER C 106 -16.14 -1.82 -21.50
C SER C 106 -16.61 -0.73 -20.54
N ALA C 107 -16.14 -0.78 -19.30
CA ALA C 107 -16.47 0.24 -18.32
C ALA C 107 -16.06 1.62 -18.82
N ASN C 108 -14.82 1.74 -19.32
CA ASN C 108 -14.38 3.03 -19.84
C ASN C 108 -15.25 3.48 -21.02
N GLU C 109 -15.65 2.53 -21.87
CA GLU C 109 -16.60 2.81 -22.94
C GLU C 109 -17.85 3.50 -22.41
N VAL C 110 -18.55 2.84 -21.48
CA VAL C 110 -19.82 3.39 -21.03
C VAL C 110 -19.62 4.73 -20.32
N ILE C 111 -18.49 4.89 -19.61
CA ILE C 111 -18.22 6.17 -18.96
C ILE C 111 -18.12 7.29 -20.01
N VAL C 112 -17.30 7.07 -21.04
CA VAL C 112 -17.11 8.09 -22.07
C VAL C 112 -18.44 8.41 -22.76
N GLU C 113 -19.22 7.37 -23.07
CA GLU C 113 -20.56 7.57 -23.62
C GLU C 113 -21.37 8.52 -22.75
N GLU C 114 -21.48 8.19 -21.45
CA GLU C 114 -22.34 8.96 -20.56
C GLU C 114 -21.91 10.41 -20.48
N ILE C 115 -20.61 10.67 -20.30
CA ILE C 115 -20.22 12.06 -20.14
C ILE C 115 -20.34 12.83 -21.46
N LYS C 116 -20.10 12.16 -22.59
CA LYS C 116 -20.40 12.79 -23.88
C LYS C 116 -21.84 13.27 -23.93
N ASP C 117 -22.78 12.39 -23.57
CA ASP C 117 -24.18 12.77 -23.57
C ASP C 117 -24.44 13.93 -22.62
N LEU C 118 -23.91 13.83 -21.40
CA LEU C 118 -24.21 14.84 -20.37
C LEU C 118 -23.66 16.21 -20.73
N MET C 119 -22.53 16.26 -21.45
CA MET C 119 -21.97 17.54 -21.86
C MET C 119 -22.50 18.03 -23.20
N THR C 120 -23.12 17.17 -24.00
CA THR C 120 -23.71 17.58 -25.26
C THR C 120 -25.20 17.90 -25.14
N LYS C 121 -25.84 17.52 -24.04
CA LYS C 121 -27.26 17.73 -23.84
C LYS C 121 -27.58 18.85 -22.87
N SER C 122 -26.65 19.19 -21.97
CA SER C 122 -26.95 20.08 -20.86
C SER C 122 -27.34 21.47 -21.31
N ASP C 123 -28.51 21.92 -20.85
CA ASP C 123 -28.95 23.29 -21.00
C ASP C 123 -29.65 23.72 -19.72
N ILE C 124 -29.81 25.03 -19.56
CA ILE C 124 -30.38 25.57 -18.33
C ILE C 124 -31.46 26.59 -18.63
N THR C 129 -28.00 26.15 -10.30
CA THR C 129 -27.12 26.98 -11.12
C THR C 129 -25.67 26.75 -10.70
N GLU C 130 -25.46 25.90 -9.71
CA GLU C 130 -24.12 25.50 -9.32
C GLU C 130 -24.07 23.99 -9.14
N THR C 131 -22.99 23.47 -8.55
CA THR C 131 -22.87 22.03 -8.36
C THR C 131 -23.65 21.60 -7.12
N LEU C 132 -24.52 20.60 -7.29
CA LEU C 132 -25.32 20.06 -6.20
C LEU C 132 -24.64 18.80 -5.66
N LEU C 133 -23.63 19.03 -4.81
CA LEU C 133 -22.83 17.93 -4.29
C LEU C 133 -23.64 17.00 -3.41
N ALA C 134 -24.59 17.56 -2.65
CA ALA C 134 -25.35 16.76 -1.70
C ALA C 134 -26.18 15.70 -2.39
N GLY C 135 -26.82 16.04 -3.51
CA GLY C 135 -27.63 15.06 -4.23
C GLY C 135 -26.80 13.91 -4.75
N SER C 136 -25.67 14.21 -5.38
CA SER C 136 -24.79 13.17 -5.88
C SER C 136 -24.30 12.27 -4.75
N LEU C 137 -23.93 12.87 -3.61
CA LEU C 137 -23.51 12.06 -2.48
C LEU C 137 -24.64 11.16 -1.98
N ALA C 138 -25.88 11.67 -2.00
CA ALA C 138 -27.01 10.85 -1.59
C ALA C 138 -27.19 9.65 -2.51
N LYS C 139 -27.19 9.90 -3.83
CA LYS C 139 -27.30 8.79 -4.79
C LYS C 139 -26.18 7.77 -4.58
N ALA C 140 -24.97 8.25 -4.28
CA ALA C 140 -23.88 7.33 -3.96
C ALA C 140 -24.23 6.48 -2.75
N LEU C 141 -24.75 7.10 -1.69
CA LEU C 141 -25.06 6.38 -0.47
C LEU C 141 -26.08 5.27 -0.70
N CYS C 142 -27.22 5.60 -1.32
CA CYS C 142 -28.23 4.55 -1.55
C CYS C 142 -27.69 3.49 -2.51
N TYR C 143 -26.90 3.91 -3.49
CA TYR C 143 -26.26 2.96 -4.41
C TYR C 143 -25.48 1.90 -3.64
N ILE C 144 -24.56 2.34 -2.77
CA ILE C 144 -23.77 1.37 -2.02
C ILE C 144 -24.63 0.62 -1.01
N HIS C 145 -25.76 1.21 -0.60
CA HIS C 145 -26.70 0.45 0.23
C HIS C 145 -27.21 -0.78 -0.52
N ARG C 146 -27.53 -0.62 -1.80
CA ARG C 146 -27.84 -1.78 -2.62
C ARG C 146 -26.63 -2.69 -2.77
N MET C 147 -25.45 -2.09 -3.00
CA MET C 147 -24.28 -2.89 -3.33
C MET C 147 -23.87 -3.79 -2.18
N ASN C 148 -24.11 -3.37 -0.93
CA ASN C 148 -23.86 -4.26 0.20
C ASN C 148 -24.72 -5.50 0.31
N LYS C 149 -25.97 -5.38 -0.11
CA LYS C 149 -26.91 -6.49 -0.10
C LYS C 149 -26.89 -7.66 -1.12
N GLU C 150 -26.39 -7.40 -2.31
CA GLU C 150 -26.36 -8.47 -3.33
C GLU C 150 -25.40 -9.56 -2.88
N VAL C 151 -24.28 -9.18 -2.29
CA VAL C 151 -23.36 -10.19 -1.82
C VAL C 151 -23.19 -9.90 -0.34
N LYS C 152 -23.42 -10.88 0.50
CA LYS C 152 -23.21 -10.71 1.91
C LYS C 152 -22.64 -11.91 2.74
N ASP C 153 -21.89 -12.79 2.09
CA ASP C 153 -21.38 -13.89 2.89
C ASP C 153 -20.10 -14.39 2.31
N ASN C 154 -19.10 -14.42 3.18
CA ASN C 154 -17.75 -14.77 2.80
C ASN C 154 -17.11 -13.53 2.15
N GLN C 155 -17.89 -12.45 2.05
CA GLN C 155 -17.46 -11.22 1.48
C GLN C 155 -17.79 -10.06 2.40
N GLU C 156 -16.79 -9.26 2.67
CA GLU C 156 -16.94 -8.03 3.46
C GLU C 156 -16.51 -6.86 2.60
N MET C 157 -17.46 -6.00 2.26
CA MET C 157 -17.23 -4.84 1.41
C MET C 157 -16.98 -3.61 2.28
N LYS C 158 -15.78 -3.02 2.13
CA LYS C 158 -15.41 -1.80 2.81
C LYS C 158 -15.50 -0.67 1.78
N SER C 159 -16.55 0.15 1.89
CA SER C 159 -16.86 1.14 0.89
C SER C 159 -16.14 2.45 1.15
N ARG C 160 -16.15 3.32 0.14
CA ARG C 160 -15.38 4.56 0.17
C ARG C 160 -15.85 5.45 -0.97
N ILE C 161 -16.03 6.74 -0.68
CA ILE C 161 -16.51 7.71 -1.66
C ILE C 161 -15.43 8.76 -1.86
N LEU C 162 -14.99 8.94 -3.10
CA LEU C 162 -14.02 9.97 -3.47
C LEU C 162 -14.72 11.05 -4.27
N VAL C 163 -14.56 12.31 -3.84
CA VAL C 163 -15.14 13.46 -4.51
C VAL C 163 -14.03 14.27 -5.15
N ILE C 164 -14.20 14.57 -6.43
CA ILE C 164 -13.29 15.45 -7.16
C ILE C 164 -14.07 16.72 -7.46
N LYS C 165 -13.81 17.78 -6.69
CA LYS C 165 -14.55 19.03 -6.78
C LYS C 165 -13.73 20.08 -7.49
N ALA C 166 -14.41 20.98 -8.19
CA ALA C 166 -13.74 22.02 -8.96
C ALA C 166 -14.36 23.39 -8.75
N ALA C 167 -15.67 23.48 -8.58
CA ALA C 167 -16.37 24.76 -8.50
C ALA C 167 -16.97 24.96 -7.11
N GLU C 168 -17.50 26.16 -6.89
CA GLU C 168 -18.14 26.49 -5.64
C GLU C 168 -19.36 25.61 -5.41
N ASP C 169 -19.73 25.45 -4.14
CA ASP C 169 -20.84 24.60 -3.76
C ASP C 169 -22.15 25.38 -3.72
N LEU C 172 -28.90 24.71 -2.11
CA LEU C 172 -28.89 23.50 -1.28
C LEU C 172 -29.36 23.80 0.13
N GLN C 173 -30.05 22.84 0.74
CA GLN C 173 -30.37 22.90 2.15
C GLN C 173 -29.26 22.20 2.94
N TYR C 174 -28.75 22.90 3.95
CA TYR C 174 -27.66 22.33 4.75
C TYR C 174 -28.12 21.07 5.48
N MET C 175 -29.42 20.98 5.79
CA MET C 175 -29.98 19.77 6.39
C MET C 175 -29.68 18.55 5.54
N ASN C 176 -29.73 18.68 4.22
CA ASN C 176 -29.49 17.54 3.34
C ASN C 176 -28.03 17.08 3.41
N PHE C 177 -27.10 18.03 3.27
CA PHE C 177 -25.68 17.70 3.35
C PHE C 177 -25.35 17.05 4.68
N MET C 178 -25.88 17.59 5.78
CA MET C 178 -25.67 16.97 7.08
C MET C 178 -26.26 15.57 7.13
N ASN C 179 -27.41 15.37 6.49
CA ASN C 179 -28.04 14.05 6.49
C ASN C 179 -27.15 13.03 5.78
N VAL C 180 -26.61 13.39 4.62
CA VAL C 180 -25.77 12.43 3.91
C VAL C 180 -24.46 12.19 4.67
N ILE C 181 -23.93 13.21 5.34
CA ILE C 181 -22.74 12.99 6.16
C ILE C 181 -23.06 12.03 7.31
N PHE C 182 -24.24 12.15 7.90
CA PHE C 182 -24.62 11.24 8.98
C PHE C 182 -24.77 9.82 8.48
N ALA C 183 -25.40 9.66 7.31
CA ALA C 183 -25.53 8.32 6.72
C ALA C 183 -24.17 7.71 6.44
N ALA C 184 -23.22 8.51 5.95
CA ALA C 184 -21.88 7.96 5.72
C ALA C 184 -21.18 7.65 7.03
N GLN C 185 -21.45 8.43 8.08
CA GLN C 185 -20.78 8.23 9.36
C GLN C 185 -21.24 6.94 10.03
N LYS C 186 -22.55 6.69 10.05
CA LYS C 186 -23.06 5.50 10.73
C LYS C 186 -22.67 4.23 10.00
N GLN C 187 -22.66 4.26 8.67
CA GLN C 187 -22.22 3.11 7.88
C GLN C 187 -20.70 3.01 7.79
N ASN C 188 -19.97 3.88 8.50
CA ASN C 188 -18.51 3.90 8.50
C ASN C 188 -17.94 3.94 7.09
N ILE C 189 -18.50 4.83 6.27
CA ILE C 189 -18.00 5.06 4.92
C ILE C 189 -16.99 6.20 4.96
N LEU C 190 -15.85 5.99 4.33
CA LEU C 190 -14.85 7.05 4.23
C LEU C 190 -15.18 7.95 3.04
N ILE C 191 -15.10 9.25 3.26
CA ILE C 191 -15.31 10.25 2.21
C ILE C 191 -14.00 10.99 2.00
N ASP C 192 -13.50 10.95 0.78
CA ASP C 192 -12.26 11.63 0.40
C ASP C 192 -12.57 12.71 -0.62
N ALA C 193 -11.81 13.82 -0.53
CA ALA C 193 -12.00 14.96 -1.41
C ALA C 193 -10.70 15.30 -2.10
N CYS C 194 -10.78 15.50 -3.41
CA CYS C 194 -9.67 15.99 -4.22
C CYS C 194 -10.15 17.26 -4.91
N VAL C 195 -9.96 18.40 -4.26
CA VAL C 195 -10.44 19.67 -4.78
C VAL C 195 -9.39 20.27 -5.72
N LEU C 196 -9.86 20.79 -6.85
CA LEU C 196 -8.98 21.28 -7.90
C LEU C 196 -8.70 22.77 -7.76
N ASP C 197 -9.75 23.59 -7.66
CA ASP C 197 -9.61 25.03 -7.60
C ASP C 197 -10.14 25.58 -6.29
N SER C 198 -11.46 25.66 -6.16
CA SER C 198 -12.10 26.25 -5.00
C SER C 198 -12.06 25.29 -3.81
N ASP C 199 -11.62 25.80 -2.67
CA ASP C 199 -11.75 25.05 -1.43
C ASP C 199 -13.20 24.97 -1.01
N SER C 200 -13.58 23.86 -0.38
CA SER C 200 -14.95 23.63 0.05
C SER C 200 -14.93 23.31 1.55
N GLY C 201 -15.50 24.23 2.34
CA GLY C 201 -15.59 23.98 3.77
C GLY C 201 -16.48 22.80 4.10
N LEU C 202 -17.63 22.70 3.41
CA LEU C 202 -18.51 21.55 3.61
C LEU C 202 -17.79 20.24 3.31
N LEU C 203 -16.95 20.23 2.26
CA LEU C 203 -16.31 18.99 1.84
C LEU C 203 -15.21 18.57 2.79
N GLN C 204 -14.38 19.52 3.25
CA GLN C 204 -13.35 19.17 4.21
C GLN C 204 -13.95 18.84 5.57
N GLN C 205 -15.09 19.42 5.91
CA GLN C 205 -15.78 19.02 7.13
C GLN C 205 -16.33 17.61 7.00
N ALA C 206 -16.86 17.26 5.82
CA ALA C 206 -17.32 15.90 5.59
C ALA C 206 -16.17 14.90 5.69
N CYS C 207 -15.00 15.27 5.13
CA CYS C 207 -13.82 14.42 5.26
C CYS C 207 -13.40 14.28 6.72
N ASP C 208 -13.48 15.38 7.49
CA ASP C 208 -13.07 15.32 8.89
C ASP C 208 -14.01 14.43 9.69
N ILE C 209 -15.30 14.49 9.43
CA ILE C 209 -16.26 13.68 10.17
C ILE C 209 -16.13 12.21 9.78
N THR C 210 -16.06 11.94 8.47
CA THR C 210 -15.94 10.57 8.02
C THR C 210 -14.58 9.96 8.35
N GLY C 211 -13.56 10.79 8.54
CA GLY C 211 -12.21 10.29 8.73
C GLY C 211 -11.44 10.10 7.44
N GLY C 212 -11.85 10.76 6.35
CA GLY C 212 -11.18 10.65 5.08
C GLY C 212 -10.14 11.73 4.89
N LEU C 213 -9.67 11.84 3.65
CA LEU C 213 -8.58 12.74 3.29
C LEU C 213 -9.08 13.87 2.39
N TYR C 214 -8.61 15.08 2.68
CA TYR C 214 -8.90 16.27 1.89
C TYR C 214 -7.61 16.75 1.26
N LEU C 215 -7.60 16.86 -0.07
CA LEU C 215 -6.39 17.19 -0.81
C LEU C 215 -6.64 18.35 -1.75
N LYS C 216 -5.79 19.37 -1.67
CA LYS C 216 -5.85 20.53 -2.57
C LYS C 216 -4.73 20.38 -3.59
N VAL C 217 -5.07 19.78 -4.73
CA VAL C 217 -4.07 19.60 -5.80
C VAL C 217 -3.86 20.96 -6.48
N PRO C 218 -2.62 21.43 -6.60
CA PRO C 218 -2.39 22.78 -7.13
C PRO C 218 -2.38 22.82 -8.65
N GLN C 219 -1.25 22.48 -9.25
CA GLN C 219 -1.17 22.32 -10.70
C GLN C 219 -1.85 21.00 -11.07
N MET C 220 -2.91 21.10 -11.86
CA MET C 220 -3.80 19.98 -12.15
C MET C 220 -3.19 18.85 -12.99
N PRO C 221 -2.26 19.11 -13.92
CA PRO C 221 -1.69 18.00 -14.69
C PRO C 221 -0.95 16.95 -13.87
N SER C 222 -0.56 17.25 -12.63
CA SER C 222 0.05 16.25 -11.76
C SER C 222 -0.98 15.37 -11.05
N LEU C 223 -2.27 15.71 -11.21
CA LEU C 223 -3.35 15.12 -10.42
C LEU C 223 -3.22 13.61 -10.33
N LEU C 224 -3.06 12.93 -11.47
CA LEU C 224 -3.06 11.47 -11.49
C LEU C 224 -2.12 10.90 -10.44
N GLN C 225 -0.90 11.43 -10.35
CA GLN C 225 0.03 10.97 -9.32
C GLN C 225 -0.65 10.93 -7.97
N TYR C 226 -1.06 12.11 -7.49
CA TYR C 226 -1.81 12.19 -6.24
C TYR C 226 -2.97 11.20 -6.24
N LEU C 227 -3.78 11.23 -7.31
CA LEU C 227 -4.93 10.35 -7.39
C LEU C 227 -4.54 8.89 -7.21
N LEU C 228 -3.46 8.46 -7.86
CA LEU C 228 -3.04 7.07 -7.73
C LEU C 228 -2.35 6.80 -6.41
N TRP C 229 -1.68 7.81 -5.84
CA TRP C 229 -0.95 7.60 -4.59
C TRP C 229 -1.91 7.62 -3.41
N VAL C 230 -2.52 8.78 -3.16
CA VAL C 230 -3.17 9.02 -1.87
C VAL C 230 -4.53 8.34 -1.78
N PHE C 231 -5.26 8.25 -2.88
CA PHE C 231 -6.65 7.80 -2.84
C PHE C 231 -6.84 6.35 -3.25
N LEU C 232 -5.81 5.71 -3.77
CA LEU C 232 -5.91 4.27 -4.00
C LEU C 232 -5.50 3.54 -2.72
N PRO C 233 -6.33 2.62 -2.21
CA PRO C 233 -6.17 1.92 -0.92
C PRO C 233 -4.74 1.45 -0.65
N PHE D 326 -38.45 16.21 12.11
CA PHE D 326 -37.87 15.13 11.30
C PHE D 326 -38.95 14.24 10.71
N PRO D 327 -39.77 14.77 9.79
CA PRO D 327 -40.80 13.92 9.15
C PRO D 327 -40.48 13.60 7.70
N LEU D 328 -40.50 12.32 7.35
CA LEU D 328 -40.26 11.89 5.98
C LEU D 328 -41.54 11.35 5.37
N ASP D 329 -41.83 11.78 4.14
CA ASP D 329 -43.07 11.43 3.48
C ASP D 329 -42.99 9.98 3.00
N ALA D 330 -44.02 9.21 3.29
CA ALA D 330 -44.05 7.80 2.94
C ALA D 330 -44.19 7.64 1.42
N PHE D 331 -43.31 6.85 0.82
CA PHE D 331 -43.44 6.58 -0.60
C PHE D 331 -44.53 5.54 -0.84
N GLN D 332 -45.42 5.82 -1.80
CA GLN D 332 -46.58 4.99 -2.07
C GLN D 332 -46.19 3.83 -2.97
N GLU D 333 -46.26 2.61 -2.45
CA GLU D 333 -45.91 1.42 -3.22
C GLU D 333 -47.01 1.12 -4.23
N ILE D 334 -46.61 0.93 -5.49
CA ILE D 334 -47.54 0.60 -6.56
C ILE D 334 -46.91 -0.51 -7.41
N PRO D 335 -47.14 -1.78 -7.05
CA PRO D 335 -46.73 -2.87 -7.95
C PRO D 335 -47.47 -2.83 -9.27
N LEU D 336 -48.62 -2.15 -9.31
CA LEU D 336 -49.28 -1.85 -10.58
C LEU D 336 -48.29 -1.13 -11.50
N GLU D 337 -48.41 -1.40 -12.79
CA GLU D 337 -47.39 -0.96 -13.74
C GLU D 337 -47.53 0.51 -14.06
N GLU D 338 -46.39 1.19 -14.17
CA GLU D 338 -46.35 2.61 -14.48
C GLU D 338 -45.82 2.86 -15.89
N ARG D 343 -38.13 2.63 -15.84
CA ARG D 343 -37.81 1.23 -15.58
C ARG D 343 -36.80 1.08 -14.44
N PHE D 344 -36.04 2.13 -14.18
CA PHE D 344 -34.92 2.06 -13.25
C PHE D 344 -35.16 2.97 -12.05
N CYS D 345 -34.49 2.63 -10.95
CA CYS D 345 -34.60 3.43 -9.74
C CYS D 345 -33.82 4.72 -9.86
N TYR D 346 -34.34 5.79 -9.27
CA TYR D 346 -33.66 7.08 -9.32
C TYR D 346 -32.43 7.10 -8.42
N GLY D 347 -32.42 6.29 -7.37
CA GLY D 347 -31.32 6.29 -6.43
C GLY D 347 -30.13 5.46 -6.87
N CYS D 348 -30.34 4.16 -7.05
CA CYS D 348 -29.26 3.24 -7.36
C CYS D 348 -29.17 2.88 -8.84
N GLN D 349 -30.08 3.39 -9.67
CA GLN D 349 -30.08 3.11 -11.11
C GLN D 349 -30.18 1.62 -11.38
N GLY D 350 -31.11 0.95 -10.69
CA GLY D 350 -31.30 -0.47 -10.87
C GLY D 350 -32.77 -0.83 -10.81
N GLU D 351 -33.12 -1.93 -11.47
CA GLU D 351 -34.49 -2.40 -11.48
C GLU D 351 -34.81 -3.22 -10.24
N VAL D 357 -41.96 -1.20 -5.62
CA VAL D 357 -41.85 0.06 -6.35
C VAL D 357 -42.45 1.18 -5.53
N TYR D 358 -41.60 1.97 -4.89
CA TYR D 358 -42.03 3.05 -4.00
C TYR D 358 -41.74 4.39 -4.69
N VAL D 359 -42.77 5.22 -4.80
CA VAL D 359 -42.68 6.49 -5.52
C VAL D 359 -42.95 7.63 -4.55
N CYS D 360 -42.13 8.68 -4.64
CA CYS D 360 -42.34 9.88 -3.84
C CYS D 360 -43.40 10.76 -4.49
N ALA D 361 -44.20 11.43 -3.66
CA ALA D 361 -45.28 12.26 -4.17
C ALA D 361 -44.86 13.70 -4.44
N VAL D 362 -43.75 14.14 -3.87
CA VAL D 362 -43.32 15.53 -4.04
C VAL D 362 -42.66 15.71 -5.40
N CYS D 363 -41.57 14.97 -5.65
CA CYS D 363 -40.83 15.08 -6.90
C CYS D 363 -41.24 14.05 -7.94
N GLN D 364 -42.01 13.03 -7.55
CA GLN D 364 -42.50 11.99 -8.45
C GLN D 364 -41.32 11.25 -9.12
N ASN D 365 -40.53 10.60 -8.27
CA ASN D 365 -39.39 9.79 -8.69
C ASN D 365 -39.53 8.39 -8.12
N VAL D 366 -39.15 7.39 -8.91
CA VAL D 366 -39.36 5.99 -8.57
C VAL D 366 -38.13 5.45 -7.85
N PHE D 367 -38.37 4.68 -6.78
CA PHE D 367 -37.31 4.04 -6.02
C PHE D 367 -37.61 2.56 -5.87
N CYS D 368 -36.59 1.80 -5.50
CA CYS D 368 -36.74 0.37 -5.29
C CYS D 368 -37.00 0.09 -3.81
N VAL D 369 -37.14 -1.18 -3.46
CA VAL D 369 -37.41 -1.55 -2.07
C VAL D 369 -36.24 -1.18 -1.18
N ASP D 370 -35.03 -1.60 -1.57
CA ASP D 370 -33.85 -1.37 -0.74
C ASP D 370 -33.61 0.12 -0.52
N CYS D 371 -33.59 0.90 -1.60
CA CYS D 371 -33.36 2.33 -1.47
C CYS D 371 -34.51 3.03 -0.75
N ASP D 372 -35.72 2.49 -0.84
CA ASP D 372 -36.80 3.03 -0.02
C ASP D 372 -36.52 2.80 1.45
N VAL D 373 -35.98 1.63 1.81
CA VAL D 373 -35.62 1.39 3.20
C VAL D 373 -34.47 2.30 3.62
N PHE D 374 -33.56 2.62 2.71
CA PHE D 374 -32.39 3.41 3.09
C PHE D 374 -32.73 4.89 3.25
N VAL D 375 -33.49 5.46 2.30
CA VAL D 375 -33.88 6.86 2.41
C VAL D 375 -34.66 7.12 3.71
N HIS D 376 -35.52 6.17 4.13
CA HIS D 376 -36.27 6.27 5.39
C HIS D 376 -35.40 6.00 6.62
N ASP D 377 -34.78 4.84 6.70
CA ASP D 377 -34.19 4.42 7.98
C ASP D 377 -32.88 5.11 8.26
N SER D 378 -32.19 5.62 7.24
CA SER D 378 -30.83 6.10 7.39
C SER D 378 -30.61 7.52 6.90
N LEU D 379 -31.14 7.87 5.73
CA LEU D 379 -30.78 9.15 5.10
C LEU D 379 -31.64 10.30 5.61
N HIS D 380 -32.94 10.06 5.84
CA HIS D 380 -33.87 11.05 6.38
C HIS D 380 -34.10 12.23 5.43
N SER D 381 -33.93 12.02 4.13
CA SER D 381 -34.30 13.01 3.13
C SER D 381 -34.30 12.35 1.76
N CYS D 382 -35.25 12.74 0.91
CA CYS D 382 -35.40 12.11 -0.40
C CYS D 382 -34.32 12.63 -1.34
N PRO D 383 -33.59 11.74 -2.03
CA PRO D 383 -32.58 12.22 -2.99
C PRO D 383 -33.19 12.97 -4.17
N GLY D 384 -34.40 12.61 -4.59
CA GLY D 384 -35.05 13.34 -5.67
C GLY D 384 -35.46 14.75 -5.26
N CYS D 385 -35.79 14.93 -3.99
CA CYS D 385 -36.19 16.25 -3.51
C CYS D 385 -35.01 17.21 -3.40
N ILE D 386 -33.78 16.69 -3.28
CA ILE D 386 -32.61 17.55 -3.19
C ILE D 386 -32.28 18.16 -4.55
N HIS D 387 -32.44 17.37 -5.61
CA HIS D 387 -32.15 17.83 -6.97
C HIS D 387 -33.15 18.90 -7.41
ZN ZN E . 20.66 -17.43 20.13
ZN ZN F . 29.82 -24.79 14.68
ZN ZN G . -33.13 2.01 -5.44
ZN ZN H . -38.97 13.47 -3.55
#